data_9I3Q
#
_entry.id   9I3Q
#
_cell.length_a   36.717
_cell.length_b   39.605
_cell.length_c   48.52
_cell.angle_alpha   91.96
_cell.angle_beta   99.92
_cell.angle_gamma   114.71
#
_symmetry.space_group_name_H-M   'P 1'
#
loop_
_entity.id
_entity.type
_entity.pdbx_description
1 polymer '5-hydroxymethyl-dUMP N-hydrolase'
2 non-polymer 4-[[1,1-bis(oxidanylidene)-7-propan-2-yl-4~{H}-1$l^{6},2,4-benzothiadiazin-3-yl]amino]-2,6-bis(chloranyl)phenol
3 water water
#
_entity_poly.entity_id   1
_entity_poly.type   'polypeptide(L)'
_entity_poly.pdbx_seq_one_letter_code
;MRPALYFCGSIRGGREDRTLYERIVSRLRRFGTVLTEHVAAAELGARGEEAAGGDRLIHEQDLEWLQQADVVVAEVTQPS
LGVGYELGRAVAFNKRILCLFRPQSGRVLSAMIRGAADGSRFQVWDYEEGEVEALLDRYFEADPLEENLYFQ
;
_entity_poly.pdbx_strand_id   A,B
#
# COMPACT_ATOMS: atom_id res chain seq x y z
N MET A 1 -20.06 -11.96 -18.85
CA MET A 1 -18.79 -11.23 -18.85
C MET A 1 -17.66 -12.22 -18.54
N ARG A 2 -16.48 -11.93 -19.06
CA ARG A 2 -15.28 -12.69 -18.71
C ARG A 2 -14.90 -12.16 -17.32
N PRO A 3 -14.06 -12.87 -16.53
CA PRO A 3 -13.73 -12.35 -15.19
C PRO A 3 -13.03 -11.00 -15.23
N ALA A 4 -13.04 -10.29 -14.09
CA ALA A 4 -12.43 -8.97 -14.00
C ALA A 4 -11.11 -9.06 -13.25
N LEU A 5 -10.04 -8.59 -13.87
CA LEU A 5 -8.72 -8.62 -13.26
C LEU A 5 -8.26 -7.19 -13.06
N TYR A 6 -7.62 -6.95 -11.96
CA TYR A 6 -7.12 -5.63 -11.63
C TYR A 6 -5.61 -5.67 -11.60
N PHE A 7 -4.92 -4.89 -12.45
CA PHE A 7 -3.46 -4.81 -12.39
C PHE A 7 -3.00 -3.45 -11.81
N CYS A 8 -2.10 -3.53 -10.86
CA CYS A 8 -1.52 -2.32 -10.30
C CYS A 8 -0.07 -2.45 -10.12
N GLY A 9 0.62 -1.44 -10.57
CA GLY A 9 2.06 -1.26 -10.46
C GLY A 9 2.36 0.23 -10.29
N SER A 10 3.60 0.57 -9.95
CA SER A 10 4.01 1.96 -9.75
C SER A 10 3.72 2.91 -10.94
N ILE A 11 3.48 4.21 -10.65
CA ILE A 11 3.17 5.26 -11.62
C ILE A 11 4.29 5.44 -12.65
N ASP A 17 10.94 -0.51 -16.44
CA ASP A 17 9.81 -1.31 -15.94
C ASP A 17 8.49 -1.06 -16.69
N ARG A 18 8.47 -0.16 -17.69
CA ARG A 18 7.26 0.11 -18.48
C ARG A 18 6.92 -1.08 -19.41
N THR A 19 7.96 -1.63 -20.05
CA THR A 19 7.82 -2.81 -20.90
C THR A 19 7.30 -4.00 -20.08
N LEU A 20 7.70 -4.10 -18.79
CA LEU A 20 7.26 -5.21 -17.96
C LEU A 20 5.77 -5.18 -17.65
N TYR A 21 5.24 -4.00 -17.33
CA TYR A 21 3.82 -3.82 -17.02
C TYR A 21 2.99 -4.10 -18.25
N GLU A 22 3.45 -3.65 -19.44
CA GLU A 22 2.70 -3.90 -20.67
C GLU A 22 2.63 -5.41 -20.93
N ARG A 23 3.73 -6.17 -20.70
CA ARG A 23 3.72 -7.62 -20.88
C ARG A 23 2.81 -8.33 -19.90
N ILE A 24 2.66 -7.78 -18.68
CA ILE A 24 1.84 -8.39 -17.66
C ILE A 24 0.37 -8.17 -17.98
N VAL A 25 0.00 -6.94 -18.34
CA VAL A 25 -1.38 -6.60 -18.68
C VAL A 25 -1.80 -7.37 -19.90
N SER A 26 -0.94 -7.37 -20.93
CA SER A 26 -1.19 -8.18 -22.14
C SER A 26 -1.48 -9.67 -21.83
N ARG A 27 -0.61 -10.31 -21.04
CA ARG A 27 -0.83 -11.70 -20.63
C ARG A 27 -2.11 -11.85 -19.79
N LEU A 28 -2.40 -10.92 -18.86
CA LEU A 28 -3.61 -10.96 -18.06
C LEU A 28 -4.88 -10.90 -18.91
N ARG A 29 -4.84 -10.20 -20.07
CA ARG A 29 -6.01 -10.11 -20.95
C ARG A 29 -6.46 -11.45 -21.51
N ARG A 30 -5.59 -12.49 -21.48
CA ARG A 30 -6.01 -13.80 -21.92
C ARG A 30 -6.93 -14.42 -20.87
N PHE A 31 -7.01 -13.88 -19.62
CA PHE A 31 -7.85 -14.48 -18.59
C PHE A 31 -9.11 -13.68 -18.21
N GLY A 32 -9.30 -12.53 -18.84
CA GLY A 32 -10.49 -11.70 -18.60
C GLY A 32 -10.24 -10.25 -18.87
N THR A 33 -11.19 -9.37 -18.47
CA THR A 33 -11.01 -7.95 -18.67
C THR A 33 -10.11 -7.38 -17.63
N VAL A 34 -9.01 -6.78 -18.06
CA VAL A 34 -8.13 -6.08 -17.16
C VAL A 34 -8.78 -4.72 -17.02
N LEU A 35 -9.25 -4.38 -15.81
CA LEU A 35 -9.96 -3.14 -15.49
C LEU A 35 -9.11 -1.90 -15.59
N THR A 36 -7.86 -2.03 -15.20
CA THR A 36 -6.91 -0.93 -15.15
C THR A 36 -6.42 -0.47 -16.53
N ASP A 55 -7.77 14.09 -7.76
CA ASP A 55 -7.28 12.98 -6.94
C ASP A 55 -8.43 12.16 -6.38
N ARG A 56 -9.53 12.80 -5.92
CA ARG A 56 -10.71 12.10 -5.39
C ARG A 56 -11.36 11.23 -6.43
N LEU A 57 -11.43 11.68 -7.70
CA LEU A 57 -11.98 10.93 -8.80
C LEU A 57 -11.12 9.69 -9.12
N ILE A 58 -9.78 9.85 -9.18
CA ILE A 58 -8.85 8.73 -9.40
C ILE A 58 -9.06 7.70 -8.27
N HIS A 59 -9.10 8.16 -7.00
CA HIS A 59 -9.30 7.30 -5.84
C HIS A 59 -10.62 6.49 -5.86
N GLU A 60 -11.78 7.12 -6.10
CA GLU A 60 -13.06 6.39 -6.16
C GLU A 60 -13.15 5.38 -7.31
N GLN A 61 -12.52 5.68 -8.45
CA GLN A 61 -12.54 4.78 -9.59
C GLN A 61 -11.69 3.54 -9.29
N ASP A 62 -10.46 3.73 -8.79
CA ASP A 62 -9.59 2.61 -8.41
C ASP A 62 -10.25 1.74 -7.34
N LEU A 63 -10.92 2.35 -6.36
CA LEU A 63 -11.62 1.60 -5.31
C LEU A 63 -12.79 0.77 -5.91
N GLU A 64 -13.53 1.36 -6.87
CA GLU A 64 -14.61 0.66 -7.56
C GLU A 64 -14.03 -0.54 -8.32
N TRP A 65 -12.93 -0.34 -9.02
CA TRP A 65 -12.25 -1.42 -9.73
C TRP A 65 -11.71 -2.55 -8.78
N LEU A 66 -11.21 -2.19 -7.56
CA LEU A 66 -10.76 -3.23 -6.62
C LEU A 66 -11.92 -4.06 -6.14
N GLN A 67 -13.07 -3.41 -5.88
CA GLN A 67 -14.26 -4.11 -5.43
C GLN A 67 -14.81 -5.05 -6.50
N GLN A 68 -14.67 -4.71 -7.81
CA GLN A 68 -15.19 -5.55 -8.92
C GLN A 68 -14.28 -6.71 -9.29
N ALA A 69 -13.02 -6.62 -8.94
CA ALA A 69 -12.04 -7.61 -9.35
C ALA A 69 -12.23 -8.97 -8.77
N ASP A 70 -12.19 -9.97 -9.61
CA ASP A 70 -12.15 -11.35 -9.15
C ASP A 70 -10.71 -11.67 -8.69
N VAL A 71 -9.71 -10.90 -9.18
CA VAL A 71 -8.33 -11.10 -8.82
C VAL A 71 -7.56 -9.79 -8.99
N VAL A 72 -6.68 -9.53 -8.00
CA VAL A 72 -5.83 -8.37 -7.98
C VAL A 72 -4.41 -8.86 -8.19
N VAL A 73 -3.72 -8.25 -9.14
CA VAL A 73 -2.36 -8.62 -9.47
C VAL A 73 -1.57 -7.32 -9.33
N ALA A 74 -0.66 -7.31 -8.38
CA ALA A 74 0.14 -6.12 -8.10
C ALA A 74 1.62 -6.37 -8.40
N GLU A 75 2.31 -5.47 -9.10
CA GLU A 75 3.76 -5.57 -9.32
C GLU A 75 4.41 -4.69 -8.20
N VAL A 76 5.02 -5.36 -7.21
CA VAL A 76 5.53 -4.65 -6.03
C VAL A 76 7.07 -4.41 -6.03
N THR A 77 7.71 -4.45 -7.20
CA THR A 77 9.17 -4.22 -7.27
C THR A 77 9.53 -2.77 -6.83
N GLN A 78 8.85 -1.78 -7.40
CA GLN A 78 9.11 -0.41 -7.09
C GLN A 78 8.29 -0.03 -5.85
N PRO A 79 8.91 0.66 -4.89
CA PRO A 79 8.17 1.08 -3.70
C PRO A 79 7.08 2.06 -4.12
N SER A 80 5.86 1.87 -3.60
CA SER A 80 4.77 2.77 -3.92
C SER A 80 3.74 2.85 -2.84
N LEU A 81 3.43 4.06 -2.34
CA LEU A 81 2.38 4.26 -1.35
C LEU A 81 1.00 3.87 -2.00
N GLY A 82 0.80 4.24 -3.28
CA GLY A 82 -0.44 3.97 -4.01
C GLY A 82 -0.67 2.49 -4.21
N VAL A 83 0.39 1.76 -4.61
CA VAL A 83 0.24 0.31 -4.78
C VAL A 83 -0.01 -0.39 -3.39
N GLY A 84 0.64 0.11 -2.37
CA GLY A 84 0.48 -0.35 -1.00
C GLY A 84 -0.96 -0.15 -0.53
N TYR A 85 -1.46 1.09 -0.67
CA TYR A 85 -2.81 1.46 -0.31
C TYR A 85 -3.87 0.54 -0.98
N GLU A 86 -3.72 0.28 -2.27
CA GLU A 86 -4.67 -0.55 -3.00
C GLU A 86 -4.61 -1.98 -2.50
N LEU A 87 -3.42 -2.49 -2.15
CA LEU A 87 -3.29 -3.85 -1.59
C LEU A 87 -3.98 -4.00 -0.24
N GLY A 88 -3.87 -2.98 0.59
CA GLY A 88 -4.48 -2.92 1.91
C GLY A 88 -5.98 -2.89 1.83
N ARG A 89 -6.50 -2.10 0.91
CA ARG A 89 -7.94 -2.04 0.64
C ARG A 89 -8.39 -3.43 0.09
N ALA A 90 -7.67 -3.96 -0.91
CA ALA A 90 -7.94 -5.29 -1.49
C ALA A 90 -7.97 -6.37 -0.37
N VAL A 91 -7.12 -6.25 0.68
CA VAL A 91 -7.09 -7.26 1.73
C VAL A 91 -8.35 -7.18 2.56
N ALA A 92 -8.78 -5.95 2.94
CA ALA A 92 -10.00 -5.82 3.71
C ALA A 92 -11.26 -6.20 2.93
N PHE A 93 -11.21 -6.12 1.58
CA PHE A 93 -12.28 -6.59 0.70
C PHE A 93 -12.20 -8.15 0.48
N ASN A 94 -11.21 -8.83 1.06
CA ASN A 94 -10.88 -10.26 0.95
C ASN A 94 -10.65 -10.68 -0.51
N LYS A 95 -10.02 -9.80 -1.29
CA LYS A 95 -9.72 -10.10 -2.67
C LYS A 95 -8.60 -11.15 -2.76
N ARG A 96 -8.65 -11.93 -3.85
CA ARG A 96 -7.65 -12.93 -4.18
C ARG A 96 -6.53 -12.08 -4.81
N ILE A 97 -5.31 -12.22 -4.30
CA ILE A 97 -4.22 -11.35 -4.69
C ILE A 97 -2.92 -12.02 -4.99
N LEU A 98 -2.28 -11.58 -6.07
CA LEU A 98 -0.96 -12.07 -6.42
C LEU A 98 -0.04 -10.86 -6.51
N CYS A 99 1.03 -10.84 -5.74
CA CYS A 99 2.03 -9.77 -5.79
C CYS A 99 3.23 -10.36 -6.51
N LEU A 100 3.82 -9.64 -7.46
CA LEU A 100 4.98 -10.18 -8.21
C LEU A 100 6.15 -9.28 -7.94
N PHE A 101 7.21 -9.86 -7.40
CA PHE A 101 8.38 -9.08 -7.02
C PHE A 101 9.64 -9.54 -7.73
N ARG A 102 10.42 -8.60 -8.20
CA ARG A 102 11.65 -8.88 -8.92
C ARG A 102 12.84 -8.68 -7.99
N PRO A 103 13.44 -9.73 -7.39
CA PRO A 103 14.62 -9.50 -6.53
C PRO A 103 15.87 -9.03 -7.28
N GLN A 104 15.86 -9.08 -8.65
CA GLN A 104 16.95 -8.58 -9.49
C GLN A 104 16.90 -7.06 -9.70
N SER A 105 15.96 -6.38 -9.05
CA SER A 105 15.84 -4.94 -9.07
C SER A 105 16.96 -4.35 -8.20
N GLY A 106 17.30 -5.03 -7.10
CA GLY A 106 18.28 -4.61 -6.11
C GLY A 106 17.63 -4.36 -4.75
N ARG A 107 16.34 -3.97 -4.75
CA ARG A 107 15.53 -3.67 -3.55
C ARG A 107 15.23 -4.89 -2.63
N VAL A 108 14.79 -4.63 -1.39
CA VAL A 108 14.34 -5.66 -0.43
C VAL A 108 12.83 -5.39 -0.24
N LEU A 109 11.96 -6.37 -0.54
CA LEU A 109 10.51 -6.17 -0.43
C LEU A 109 10.11 -5.93 1.00
N SER A 110 9.26 -4.92 1.24
CA SER A 110 8.77 -4.64 2.59
C SER A 110 8.20 -5.87 3.28
N ALA A 111 8.54 -6.00 4.57
CA ALA A 111 8.08 -7.09 5.44
C ALA A 111 6.55 -7.07 5.56
N MET A 112 5.91 -5.90 5.50
CA MET A 112 4.45 -5.76 5.54
C MET A 112 3.71 -6.40 4.35
N ILE A 113 4.37 -6.46 3.18
CA ILE A 113 3.77 -7.12 2.02
C ILE A 113 4.09 -8.62 2.03
N ARG A 114 5.36 -9.01 2.21
CA ARG A 114 5.71 -10.47 2.36
C ARG A 114 4.89 -11.08 3.53
N GLY A 115 4.76 -10.32 4.60
CA GLY A 115 4.05 -10.64 5.82
C GLY A 115 2.55 -10.74 5.72
N ALA A 116 1.95 -10.05 4.72
CA ALA A 116 0.52 -10.13 4.42
C ALA A 116 0.16 -11.44 3.73
N ALA A 117 1.13 -12.12 3.10
CA ALA A 117 0.88 -13.36 2.41
C ALA A 117 0.42 -14.47 3.34
N ASP A 118 -0.37 -15.38 2.82
CA ASP A 118 -0.78 -16.56 3.55
C ASP A 118 -0.67 -17.87 2.67
N GLY A 119 0.01 -17.76 1.51
CA GLY A 119 0.19 -18.87 0.58
C GLY A 119 -1.04 -19.26 -0.22
N SER A 120 -2.23 -18.76 0.15
CA SER A 120 -3.45 -19.11 -0.57
C SER A 120 -4.12 -17.92 -1.28
N ARG A 121 -4.97 -17.16 -0.57
CA ARG A 121 -5.67 -15.99 -1.07
C ARG A 121 -4.67 -14.89 -1.38
N PHE A 122 -3.66 -14.68 -0.51
CA PHE A 122 -2.66 -13.63 -0.74
C PHE A 122 -1.33 -14.30 -0.95
N GLN A 123 -0.84 -14.25 -2.16
CA GLN A 123 0.45 -14.84 -2.48
C GLN A 123 1.39 -13.77 -2.97
N VAL A 124 2.67 -13.92 -2.68
CA VAL A 124 3.73 -13.02 -3.12
C VAL A 124 4.74 -13.93 -3.82
N TRP A 125 4.99 -13.70 -5.11
CA TRP A 125 5.91 -14.53 -5.85
C TRP A 125 7.15 -13.76 -6.28
N ASP A 126 8.33 -14.33 -6.02
CA ASP A 126 9.61 -13.78 -6.47
C ASP A 126 9.81 -14.30 -7.88
N TYR A 127 10.19 -13.43 -8.80
CA TYR A 127 10.34 -13.83 -10.19
C TYR A 127 11.45 -13.11 -10.93
N GLU A 128 11.77 -13.64 -12.12
CA GLU A 128 12.71 -13.08 -13.07
C GLU A 128 11.88 -12.54 -14.29
N GLU A 129 12.30 -11.43 -14.87
CA GLU A 129 11.53 -10.76 -15.94
C GLU A 129 11.11 -11.57 -17.15
N GLY A 130 11.82 -12.63 -17.49
CA GLY A 130 11.52 -13.38 -18.72
C GLY A 130 10.48 -14.47 -18.58
N GLU A 131 10.17 -14.86 -17.35
CA GLU A 131 9.24 -15.93 -17.05
C GLU A 131 7.87 -15.45 -16.53
N VAL A 132 7.61 -14.14 -16.51
CA VAL A 132 6.37 -13.64 -15.95
C VAL A 132 5.08 -14.19 -16.66
N GLU A 133 5.13 -14.41 -17.98
CA GLU A 133 3.98 -14.98 -18.70
C GLU A 133 3.76 -16.41 -18.27
N ALA A 134 4.83 -17.22 -18.21
CA ALA A 134 4.76 -18.60 -17.77
C ALA A 134 4.27 -18.71 -16.32
N LEU A 135 4.62 -17.74 -15.48
CA LEU A 135 4.19 -17.75 -14.09
C LEU A 135 2.74 -17.39 -13.99
N LEU A 136 2.29 -16.40 -14.77
CA LEU A 136 0.88 -16.04 -14.80
C LEU A 136 0.01 -17.19 -15.37
N ASP A 137 0.51 -17.95 -16.37
CA ASP A 137 -0.23 -19.14 -16.86
C ASP A 137 -0.31 -20.15 -15.71
N ARG A 138 0.80 -20.37 -14.99
CA ARG A 138 0.88 -21.29 -13.85
C ARG A 138 -0.13 -20.89 -12.74
N TYR A 139 -0.19 -19.60 -12.42
CA TYR A 139 -1.10 -19.06 -11.43
C TYR A 139 -2.58 -19.37 -11.75
N PHE A 140 -3.05 -19.01 -12.97
CA PHE A 140 -4.45 -19.25 -13.32
C PHE A 140 -4.76 -20.69 -13.74
N GLU A 141 -3.77 -21.49 -14.19
CA GLU A 141 -4.04 -22.90 -14.56
C GLU A 141 -4.27 -23.72 -13.25
N ALA A 142 -3.55 -23.39 -12.17
CA ALA A 142 -3.71 -24.01 -10.86
C ALA A 142 -4.99 -23.61 -10.12
N ASP A 143 -5.58 -22.47 -10.49
CA ASP A 143 -6.78 -21.97 -9.81
C ASP A 143 -7.46 -21.09 -10.84
N PRO A 144 -8.20 -21.71 -11.77
CA PRO A 144 -8.77 -20.93 -12.87
C PRO A 144 -9.90 -20.00 -12.54
N LEU A 145 -9.98 -18.92 -13.28
CA LEU A 145 -11.10 -17.98 -13.16
C LEU A 145 -12.27 -18.54 -14.00
N GLU A 146 -11.96 -19.12 -15.18
CA GLU A 146 -12.87 -19.75 -16.11
C GLU A 146 -12.29 -21.11 -16.40
N GLU A 147 -13.09 -22.18 -16.27
CA GLU A 147 -12.59 -23.53 -16.53
C GLU A 147 -12.29 -23.80 -18.02
N ASN A 148 -11.39 -24.76 -18.23
CA ASN A 148 -10.92 -25.30 -19.50
C ASN A 148 -12.06 -25.97 -20.25
N LEU A 149 -11.98 -25.98 -21.57
CA LEU A 149 -12.94 -26.67 -22.43
C LEU A 149 -12.57 -28.17 -22.54
N TYR A 150 -13.53 -29.10 -22.35
CA TYR A 150 -13.29 -30.55 -22.42
C TYR A 150 -12.42 -30.98 -23.62
N PRO B 3 -5.39 8.27 24.39
CA PRO B 3 -5.42 8.05 22.92
C PRO B 3 -4.20 7.27 22.53
N ALA B 4 -4.37 6.09 21.92
CA ALA B 4 -3.24 5.32 21.45
C ALA B 4 -2.96 5.93 20.07
N LEU B 5 -1.73 6.35 19.83
CA LEU B 5 -1.38 6.98 18.56
C LEU B 5 -0.46 6.05 17.80
N TYR B 6 -0.78 5.82 16.54
CA TYR B 6 0.03 4.94 15.72
C TYR B 6 0.86 5.74 14.72
N PHE B 7 2.19 5.77 14.85
CA PHE B 7 3.00 6.45 13.87
C PHE B 7 3.57 5.42 12.90
N CYS B 8 3.38 5.64 11.59
CA CYS B 8 3.96 4.75 10.61
C CYS B 8 4.83 5.55 9.68
N GLY B 9 6.04 5.08 9.52
CA GLY B 9 7.01 5.69 8.63
C GLY B 9 7.74 4.62 7.86
N SER B 10 8.34 4.97 6.71
CA SER B 10 9.06 3.99 5.90
C SER B 10 10.39 3.52 6.52
N ILE B 11 10.96 2.41 5.99
CA ILE B 11 12.24 1.89 6.45
C ILE B 11 13.33 2.85 5.94
N ARG B 12 13.30 3.17 4.61
CA ARG B 12 14.26 4.11 4.01
C ARG B 12 14.16 5.50 4.69
N GLY B 13 12.92 5.91 4.99
CA GLY B 13 12.66 7.15 5.70
C GLY B 13 13.06 7.09 7.17
N GLY B 14 13.15 5.90 7.74
CA GLY B 14 13.59 5.71 9.11
C GLY B 14 15.10 5.89 9.29
N ARG B 15 15.85 5.95 8.18
CA ARG B 15 17.30 6.14 8.19
C ARG B 15 17.64 7.51 7.59
N GLU B 16 16.98 7.87 6.48
CA GLU B 16 17.21 9.17 5.85
C GLU B 16 16.53 10.29 6.65
N ASP B 17 15.22 10.14 6.95
CA ASP B 17 14.51 11.12 7.77
C ASP B 17 14.45 10.62 9.22
N ARG B 18 15.55 10.01 9.72
CA ARG B 18 15.59 9.46 11.08
C ARG B 18 15.24 10.50 12.17
N THR B 19 16.01 11.60 12.24
CA THR B 19 15.81 12.68 13.22
C THR B 19 14.36 13.24 13.17
N LEU B 20 13.86 13.49 11.97
CA LEU B 20 12.49 13.97 11.73
C LEU B 20 11.44 12.99 12.31
N TYR B 21 11.61 11.68 12.10
CA TYR B 21 10.67 10.69 12.64
C TYR B 21 10.69 10.73 14.18
N GLU B 22 11.89 10.84 14.80
CA GLU B 22 12.04 10.92 16.27
C GLU B 22 11.39 12.19 16.82
N ARG B 23 11.49 13.29 16.07
CA ARG B 23 10.87 14.56 16.40
C ARG B 23 9.34 14.37 16.40
N ILE B 24 8.81 13.66 15.38
CA ILE B 24 7.38 13.36 15.29
C ILE B 24 6.94 12.45 16.46
N VAL B 25 7.61 11.31 16.65
CA VAL B 25 7.27 10.41 17.74
C VAL B 25 7.30 11.10 19.12
N SER B 26 8.41 11.79 19.51
CA SER B 26 8.41 12.49 20.82
C SER B 26 7.29 13.50 20.93
N ARG B 27 7.03 14.30 19.86
CA ARG B 27 5.93 15.27 19.92
C ARG B 27 4.59 14.58 20.12
N LEU B 28 4.36 13.47 19.42
CA LEU B 28 3.15 12.66 19.57
C LEU B 28 2.99 12.15 21.03
N ARG B 29 4.10 11.84 21.71
CA ARG B 29 4.05 11.33 23.10
C ARG B 29 3.45 12.33 24.09
N ARG B 30 3.32 13.60 23.70
CA ARG B 30 2.71 14.62 24.57
C ARG B 30 1.20 14.55 24.54
N PHE B 31 0.62 13.89 23.51
CA PHE B 31 -0.82 13.82 23.39
C PHE B 31 -1.39 12.45 23.77
N GLY B 32 -0.60 11.39 23.74
CA GLY B 32 -1.08 10.08 24.13
C GLY B 32 0.00 9.03 24.20
N THR B 33 -0.37 7.76 24.07
CA THR B 33 0.60 6.67 24.12
C THR B 33 0.93 6.26 22.71
N VAL B 34 2.20 6.30 22.30
CA VAL B 34 2.60 5.94 20.95
C VAL B 34 2.88 4.44 20.86
N LEU B 35 2.07 3.72 20.08
CA LEU B 35 2.16 2.27 19.98
C LEU B 35 3.44 1.75 19.36
N THR B 36 3.91 2.39 18.28
CA THR B 36 5.15 1.99 17.61
C THR B 36 6.36 2.38 18.45
N GLY B 54 9.30 -13.62 11.93
CA GLY B 54 9.57 -13.22 10.56
C GLY B 54 8.67 -12.07 10.12
N ASP B 55 8.39 -12.00 8.83
CA ASP B 55 7.53 -10.96 8.28
C ASP B 55 6.07 -11.14 8.73
N ARG B 56 5.61 -12.38 8.89
CA ARG B 56 4.25 -12.64 9.33
C ARG B 56 3.99 -12.09 10.74
N LEU B 57 5.01 -12.18 11.62
CA LEU B 57 5.01 -11.66 12.97
C LEU B 57 4.91 -10.15 12.91
N ILE B 58 5.78 -9.52 12.11
CA ILE B 58 5.80 -8.05 11.94
C ILE B 58 4.42 -7.56 11.48
N HIS B 59 3.83 -8.27 10.50
CA HIS B 59 2.53 -7.97 9.97
C HIS B 59 1.44 -8.04 11.02
N GLU B 60 1.26 -9.19 11.68
CA GLU B 60 0.20 -9.35 12.68
C GLU B 60 0.27 -8.29 13.80
N GLN B 61 1.52 -7.92 14.19
CA GLN B 61 1.75 -6.92 15.23
C GLN B 61 1.32 -5.52 14.81
N ASP B 62 1.73 -5.06 13.63
CA ASP B 62 1.28 -3.73 13.16
C ASP B 62 -0.21 -3.65 12.96
N LEU B 63 -0.80 -4.76 12.54
CA LEU B 63 -2.23 -4.86 12.35
C LEU B 63 -2.97 -4.74 13.68
N GLU B 64 -2.40 -5.29 14.77
CA GLU B 64 -2.96 -5.19 16.12
C GLU B 64 -2.91 -3.74 16.57
N TRP B 65 -1.79 -3.07 16.31
CA TRP B 65 -1.61 -1.67 16.66
C TRP B 65 -2.54 -0.72 15.86
N LEU B 66 -2.77 -1.05 14.58
CA LEU B 66 -3.66 -0.27 13.76
C LEU B 66 -5.09 -0.34 14.29
N GLN B 67 -5.54 -1.53 14.67
CA GLN B 67 -6.89 -1.73 15.21
C GLN B 67 -7.07 -1.05 16.57
N GLN B 68 -5.99 -0.95 17.32
CA GLN B 68 -6.02 -0.36 18.66
C GLN B 68 -5.87 1.15 18.66
N ALA B 69 -5.30 1.71 17.58
CA ALA B 69 -5.06 3.14 17.47
C ALA B 69 -6.30 3.99 17.39
N ASP B 70 -6.30 5.07 18.14
CA ASP B 70 -7.33 6.12 18.07
C ASP B 70 -7.02 7.03 16.89
N VAL B 71 -5.73 7.24 16.56
CA VAL B 71 -5.29 8.08 15.44
C VAL B 71 -4.10 7.44 14.77
N VAL B 72 -4.09 7.45 13.44
CA VAL B 72 -2.95 6.98 12.69
C VAL B 72 -2.25 8.18 12.07
N VAL B 73 -0.95 8.27 12.27
CA VAL B 73 -0.16 9.37 11.77
C VAL B 73 0.86 8.77 10.83
N ALA B 74 0.84 9.15 9.54
CA ALA B 74 1.85 8.62 8.64
C ALA B 74 2.69 9.73 8.02
N GLU B 75 3.99 9.55 7.97
CA GLU B 75 4.85 10.45 7.22
C GLU B 75 4.87 9.78 5.82
N VAL B 76 4.32 10.43 4.83
CA VAL B 76 4.19 9.85 3.49
C VAL B 76 5.08 10.48 2.40
N THR B 77 6.22 11.08 2.77
CA THR B 77 7.13 11.68 1.79
C THR B 77 7.93 10.61 1.07
N GLN B 78 8.36 9.60 1.81
CA GLN B 78 9.07 8.49 1.21
C GLN B 78 8.09 7.53 0.66
N PRO B 79 8.11 7.27 -0.65
CA PRO B 79 7.24 6.22 -1.20
C PRO B 79 7.54 4.87 -0.53
N SER B 80 6.52 4.23 0.04
CA SER B 80 6.70 2.96 0.78
C SER B 80 5.52 2.06 0.55
N LEU B 81 5.74 0.79 0.21
CA LEU B 81 4.64 -0.17 0.05
C LEU B 81 3.94 -0.43 1.40
N GLY B 82 4.72 -0.63 2.48
CA GLY B 82 4.23 -0.89 3.83
C GLY B 82 3.40 0.23 4.41
N VAL B 83 3.89 1.46 4.32
CA VAL B 83 3.12 2.62 4.81
C VAL B 83 1.76 2.72 4.06
N GLY B 84 1.78 2.57 2.73
CA GLY B 84 0.57 2.59 1.92
C GLY B 84 -0.38 1.46 2.36
N TYR B 85 0.13 0.23 2.47
CA TYR B 85 -0.64 -0.92 2.92
C TYR B 85 -1.32 -0.67 4.27
N GLU B 86 -0.55 -0.11 5.21
CA GLU B 86 -1.04 0.20 6.55
C GLU B 86 -2.10 1.28 6.52
N LEU B 87 -2.02 2.24 5.57
CA LEU B 87 -3.05 3.27 5.37
C LEU B 87 -4.33 2.68 4.78
N GLY B 88 -4.22 1.69 3.86
CA GLY B 88 -5.38 1.03 3.32
C GLY B 88 -6.05 0.18 4.38
N ARG B 89 -5.27 -0.55 5.19
CA ARG B 89 -5.81 -1.32 6.30
C ARG B 89 -6.50 -0.37 7.29
N ALA B 90 -5.87 0.77 7.59
CA ALA B 90 -6.41 1.79 8.49
C ALA B 90 -7.73 2.38 7.96
N VAL B 91 -7.78 2.70 6.65
CA VAL B 91 -9.00 3.25 6.05
C VAL B 91 -10.14 2.26 6.14
N ALA B 92 -9.87 0.95 5.97
CA ALA B 92 -10.86 -0.07 6.08
C ALA B 92 -11.34 -0.29 7.54
N PHE B 93 -10.48 0.03 8.53
CA PHE B 93 -10.85 0.01 9.95
C PHE B 93 -11.57 1.34 10.39
N ASN B 94 -11.79 2.31 9.45
CA ASN B 94 -12.40 3.63 9.66
C ASN B 94 -11.64 4.44 10.72
N LYS B 95 -10.32 4.37 10.68
CA LYS B 95 -9.48 5.07 11.63
C LYS B 95 -9.29 6.53 11.24
N ARG B 96 -9.10 7.37 12.26
CA ARG B 96 -8.84 8.78 12.06
C ARG B 96 -7.36 8.82 11.60
N ILE B 97 -7.07 9.53 10.53
CA ILE B 97 -5.76 9.52 9.92
C ILE B 97 -5.24 10.92 9.54
N LEU B 98 -3.99 11.14 9.84
CA LEU B 98 -3.29 12.31 9.45
C LEU B 98 -2.06 11.87 8.69
N CYS B 99 -1.94 12.29 7.44
CA CYS B 99 -0.73 12.04 6.65
C CYS B 99 0.05 13.34 6.60
N LEU B 100 1.37 13.25 6.70
CA LEU B 100 2.33 14.34 6.67
C LEU B 100 3.24 14.18 5.46
N PHE B 101 3.18 15.14 4.53
CA PHE B 101 3.94 15.10 3.28
C PHE B 101 4.86 16.35 3.15
N ARG B 102 6.12 16.19 2.76
CA ARG B 102 7.03 17.33 2.56
C ARG B 102 7.26 17.65 1.06
N PRO B 103 6.57 18.68 0.49
CA PRO B 103 6.82 19.04 -0.93
C PRO B 103 8.24 19.53 -1.26
N GLN B 104 8.99 20.11 -0.30
CA GLN B 104 10.38 20.55 -0.59
C GLN B 104 11.26 19.42 -1.10
N SER B 105 10.91 18.15 -0.77
CA SER B 105 11.64 17.00 -1.25
C SER B 105 11.61 16.90 -2.79
N GLY B 106 10.63 17.50 -3.45
CA GLY B 106 10.50 17.40 -4.90
C GLY B 106 9.57 16.28 -5.34
N ARG B 107 9.22 15.34 -4.43
CA ARG B 107 8.30 14.25 -4.75
C ARG B 107 6.88 14.76 -5.06
N VAL B 108 6.10 13.95 -5.76
CA VAL B 108 4.69 14.24 -6.03
C VAL B 108 3.94 13.14 -5.30
N LEU B 109 3.16 13.51 -4.28
CA LEU B 109 2.40 12.52 -3.51
C LEU B 109 1.42 11.76 -4.41
N SER B 110 1.43 10.43 -4.27
CA SER B 110 0.50 9.56 -5.00
C SER B 110 -0.93 10.05 -4.89
N ALA B 111 -1.57 10.17 -6.05
CA ALA B 111 -2.94 10.61 -6.15
C ALA B 111 -3.86 9.74 -5.31
N MET B 112 -3.52 8.48 -5.08
CA MET B 112 -4.29 7.58 -4.24
C MET B 112 -4.36 8.03 -2.81
N ILE B 113 -3.22 8.50 -2.25
CA ILE B 113 -3.14 8.93 -0.86
C ILE B 113 -3.85 10.28 -0.71
N ARG B 114 -3.50 11.26 -1.54
CA ARG B 114 -4.18 12.57 -1.45
C ARG B 114 -5.67 12.41 -1.80
N GLY B 115 -5.98 11.56 -2.76
CA GLY B 115 -7.34 11.27 -3.18
C GLY B 115 -8.16 10.53 -2.15
N ALA B 116 -7.49 9.86 -1.21
CA ALA B 116 -8.17 9.18 -0.12
C ALA B 116 -8.62 10.17 0.98
N ALA B 117 -8.12 11.41 0.97
CA ALA B 117 -8.49 12.39 1.95
C ALA B 117 -9.96 12.79 1.89
N ASP B 118 -10.55 12.94 3.05
CA ASP B 118 -11.89 13.50 3.16
C ASP B 118 -11.89 14.85 3.96
N GLY B 119 -10.69 15.36 4.31
CA GLY B 119 -10.54 16.62 5.00
C GLY B 119 -10.85 16.61 6.48
N SER B 120 -11.42 15.52 7.02
CA SER B 120 -11.70 15.46 8.46
C SER B 120 -11.13 14.15 9.08
N ARG B 121 -11.69 13.00 8.70
CA ARG B 121 -11.20 11.71 9.19
C ARG B 121 -9.88 11.32 8.50
N PHE B 122 -9.64 11.73 7.26
CA PHE B 122 -8.40 11.43 6.56
C PHE B 122 -7.95 12.77 5.99
N GLN B 123 -6.87 13.29 6.54
CA GLN B 123 -6.33 14.57 6.14
C GLN B 123 -4.93 14.40 5.66
N VAL B 124 -4.53 15.17 4.66
CA VAL B 124 -3.18 15.14 4.17
C VAL B 124 -2.59 16.55 4.29
N TRP B 125 -1.59 16.72 5.14
CA TRP B 125 -0.98 18.03 5.34
C TRP B 125 0.40 18.14 4.68
N ASP B 126 0.54 19.11 3.80
CA ASP B 126 1.86 19.42 3.23
C ASP B 126 2.58 20.29 4.26
N TYR B 127 3.80 19.93 4.66
CA TYR B 127 4.53 20.74 5.65
C TYR B 127 6.00 20.85 5.31
N GLU B 128 6.72 21.77 5.96
CA GLU B 128 8.16 21.85 5.82
C GLU B 128 8.72 21.31 7.15
N GLU B 129 9.78 20.50 7.08
CA GLU B 129 10.34 19.86 8.29
C GLU B 129 10.36 20.68 9.59
N GLY B 130 10.70 21.95 9.53
CA GLY B 130 10.84 22.81 10.70
C GLY B 130 9.61 23.23 11.47
N GLU B 131 8.40 22.92 10.97
CA GLU B 131 7.16 23.32 11.66
C GLU B 131 6.32 22.11 12.15
N VAL B 132 6.85 20.89 12.03
CA VAL B 132 6.10 19.69 12.38
C VAL B 132 5.56 19.71 13.83
N GLU B 133 6.33 20.19 14.84
CA GLU B 133 5.85 20.22 16.23
C GLU B 133 4.60 21.07 16.38
N ALA B 134 4.61 22.23 15.71
CA ALA B 134 3.51 23.19 15.70
C ALA B 134 2.26 22.65 15.01
N LEU B 135 2.44 21.93 13.90
CA LEU B 135 1.33 21.28 13.21
C LEU B 135 0.75 20.12 14.01
N LEU B 136 1.59 19.38 14.72
CA LEU B 136 1.10 18.25 15.53
C LEU B 136 0.31 18.83 16.74
N ASP B 137 0.81 19.95 17.34
CA ASP B 137 0.08 20.63 18.41
C ASP B 137 -1.27 21.12 17.87
N ARG B 138 -1.26 21.74 16.67
CA ARG B 138 -2.49 22.24 16.07
C ARG B 138 -3.50 21.10 15.84
N TYR B 139 -3.02 19.97 15.35
CA TYR B 139 -3.90 18.84 15.09
C TYR B 139 -4.63 18.35 16.37
N PHE B 140 -3.88 18.01 17.42
CA PHE B 140 -4.42 17.52 18.67
C PHE B 140 -4.92 18.60 19.68
N GLU B 141 -4.86 19.89 19.34
CA GLU B 141 -5.34 20.96 20.24
C GLU B 141 -6.59 21.61 19.64
#